data_3WHW
#
_entry.id   3WHW
#
_cell.length_a   59.760
_cell.length_b   67.650
_cell.length_c   79.540
_cell.angle_alpha   90.00
_cell.angle_beta   90.00
_cell.angle_gamma   90.00
#
_symmetry.space_group_name_H-M   'P 21 21 21'
#
loop_
_entity.id
_entity.type
_entity.pdbx_description
1 polymer '7,8-dihydro-8-oxoguanine triphosphatase'
2 non-polymer 'SULFATE ION'
3 non-polymer [4-amino-2-methyl-6-(pyridin-2-yl-kappaN)quinazolin-7-yl-kappaC~7~](carbonyl){1-[(2,6-dimethoxyphenoxy)carbonyl]cyclopenta-2,4-dien-1-yl}ruthenium
4 water water
#
_entity_poly.entity_id   1
_entity_poly.type   'polypeptide(L)'
_entity_poly.pdbx_seq_one_letter_code
;MGASRLYTLVLVLQPQRVLLGMKKRGFGAGRWNGFGGKVQEGETIEDGARRELQEESGLTVDALHKVGQIVFEFVGEPEL
MDVHVFCTDSIQGTPVESDEMRPCWFQLDQIPFKDMWPDDSYWFPLLLQKKKFHGYFKFQGQDTILDYTLREVDTV
;
_entity_poly.pdbx_strand_id   A,B
#
loop_
_chem_comp.id
_chem_comp.type
_chem_comp.name
_chem_comp.formula
RUX non-polymer [4-amino-2-methyl-6-(pyridin-2-yl-kappaN)quinazolin-7-yl-kappaC~7~](carbonyl){1-[(2,6-dimethoxyphenoxy)carbonyl]cyclopenta-2,4-dien-1-yl}ruthenium 'C29 H24 N4 O5 Ru'
SO4 non-polymer 'SULFATE ION' 'O4 S -2'
#
# COMPACT_ATOMS: atom_id res chain seq x y z
N ALA A 3 -2.80 -2.61 -20.54
CA ALA A 3 -4.20 -2.43 -20.89
C ALA A 3 -5.11 -2.80 -19.73
N SER A 4 -6.15 -1.98 -19.51
CA SER A 4 -7.08 -2.21 -18.42
C SER A 4 -8.53 -2.07 -18.88
N ARG A 5 -9.46 -2.57 -18.07
CA ARG A 5 -10.87 -2.43 -18.34
C ARG A 5 -11.57 -1.69 -17.20
N LEU A 6 -12.47 -0.77 -17.53
CA LEU A 6 -13.12 0.06 -16.52
C LEU A 6 -14.27 -0.63 -15.80
N TYR A 7 -14.27 -0.56 -14.47
CA TYR A 7 -15.32 -1.13 -13.64
C TYR A 7 -15.80 -0.13 -12.59
N THR A 8 -17.03 -0.29 -12.13
CA THR A 8 -17.58 0.58 -11.09
C THR A 8 -17.88 -0.20 -9.81
N LEU A 9 -17.77 0.49 -8.67
CA LEU A 9 -18.13 -0.11 -7.39
C LEU A 9 -18.78 0.94 -6.51
N VAL A 10 -20.05 0.71 -6.16
CA VAL A 10 -20.81 1.68 -5.39
C VAL A 10 -21.09 1.17 -3.99
N LEU A 11 -20.65 1.94 -3.00
CA LEU A 11 -20.89 1.61 -1.60
C LEU A 11 -21.85 2.62 -0.98
N VAL A 12 -23.09 2.20 -0.75
CA VAL A 12 -24.07 3.02 -0.06
C VAL A 12 -23.74 3.06 1.43
N LEU A 13 -23.15 4.17 1.88
CA LEU A 13 -22.69 4.27 3.26
C LEU A 13 -23.49 5.29 4.06
N GLN A 14 -24.16 4.81 5.10
CA GLN A 14 -24.95 5.67 5.98
C GLN A 14 -24.27 5.73 7.35
N PRO A 15 -24.59 6.75 8.17
CA PRO A 15 -23.92 6.99 9.45
C PRO A 15 -23.75 5.76 10.35
N GLN A 16 -24.65 4.79 10.22
CA GLN A 16 -24.65 3.64 11.10
C GLN A 16 -24.86 2.32 10.40
N ARG A 17 -24.87 2.34 9.07
CA ARG A 17 -25.08 1.10 8.35
C ARG A 17 -24.51 1.22 6.93
N VAL A 18 -24.25 0.08 6.32
CA VAL A 18 -23.75 0.02 4.96
C VAL A 18 -24.53 -1.02 4.15
N LEU A 19 -24.84 -0.69 2.91
CA LEU A 19 -25.63 -1.58 2.05
C LEU A 19 -24.74 -2.49 1.21
N LEU A 20 -24.96 -3.80 1.32
CA LEU A 20 -24.23 -4.76 0.53
C LEU A 20 -25.20 -5.73 -0.13
N GLY A 21 -24.78 -6.36 -1.23
CA GLY A 21 -25.64 -7.26 -1.96
C GLY A 21 -24.98 -8.60 -2.21
N MET A 22 -25.70 -9.67 -1.90
CA MET A 22 -25.23 -11.02 -2.13
C MET A 22 -25.28 -11.36 -3.61
N LYS A 23 -24.10 -11.48 -4.23
CA LYS A 23 -23.99 -11.80 -5.64
C LYS A 23 -24.49 -13.22 -5.89
N LYS A 24 -25.50 -13.33 -6.75
CA LYS A 24 -26.22 -14.59 -6.95
C LYS A 24 -25.62 -15.41 -8.08
N ARG A 25 -24.98 -14.70 -9.02
CA ARG A 25 -24.28 -15.32 -10.14
CA ARG A 25 -23.97 -15.39 -9.89
C ARG A 25 -22.96 -14.59 -10.68
N GLY A 26 -22.36 -15.33 -11.65
CA GLY A 26 -21.28 -14.67 -12.32
C GLY A 26 -20.11 -14.43 -11.41
N PHE A 27 -19.35 -13.38 -11.74
CA PHE A 27 -18.12 -13.03 -11.04
C PHE A 27 -18.39 -12.55 -9.61
N GLY A 28 -17.77 -13.24 -8.64
CA GLY A 28 -17.89 -12.85 -7.25
C GLY A 28 -19.13 -13.39 -6.56
N ALA A 29 -19.74 -14.39 -7.18
CA ALA A 29 -20.95 -15.00 -6.64
C ALA A 29 -20.69 -15.70 -5.32
N GLY A 30 -21.65 -15.59 -4.40
CA GLY A 30 -21.53 -16.21 -3.10
C GLY A 30 -20.92 -15.28 -2.08
N ARG A 31 -20.63 -14.05 -2.52
CA ARG A 31 -20.02 -13.06 -1.65
C ARG A 31 -20.84 -11.79 -1.59
N TRP A 32 -20.71 -11.05 -0.49
CA TRP A 32 -21.38 -9.76 -0.35
C TRP A 32 -20.58 -8.65 -0.99
N ASN A 33 -21.25 -7.94 -1.87
CA ASN A 33 -20.58 -6.99 -2.73
C ASN A 33 -21.18 -5.61 -2.73
N GLY A 34 -20.41 -4.62 -3.17
CA GLY A 34 -21.00 -3.33 -3.47
C GLY A 34 -21.63 -3.44 -4.84
N PHE A 35 -22.26 -2.36 -5.30
CA PHE A 35 -22.92 -2.41 -6.59
C PHE A 35 -22.06 -1.80 -7.69
N GLY A 36 -22.19 -2.32 -8.91
CA GLY A 36 -21.42 -1.84 -10.04
C GLY A 36 -21.33 -2.86 -11.15
N GLY A 37 -20.40 -2.64 -12.07
CA GLY A 37 -20.21 -3.54 -13.20
C GLY A 37 -19.25 -2.96 -14.23
N LYS A 38 -19.30 -3.49 -15.44
CA LYS A 38 -18.45 -3.00 -16.51
C LYS A 38 -18.95 -1.63 -16.97
N VAL A 39 -18.03 -0.78 -17.39
CA VAL A 39 -18.39 0.52 -17.95
C VAL A 39 -18.53 0.36 -19.46
N GLN A 40 -19.68 0.75 -19.98
CA GLN A 40 -20.02 0.53 -21.38
C GLN A 40 -19.50 1.67 -22.26
N GLU A 41 -19.57 1.46 -23.57
CA GLU A 41 -19.21 2.49 -24.55
C GLU A 41 -20.38 3.44 -24.74
N GLY A 42 -20.13 4.73 -24.55
CA GLY A 42 -21.17 5.73 -24.74
C GLY A 42 -21.64 6.36 -23.45
N GLU A 43 -21.17 5.84 -22.31
CA GLU A 43 -21.51 6.39 -21.01
C GLU A 43 -20.25 6.71 -20.20
N THR A 44 -20.34 7.71 -19.32
CA THR A 44 -19.24 8.02 -18.43
C THR A 44 -19.15 6.99 -17.31
N ILE A 45 -18.05 7.00 -16.58
CA ILE A 45 -17.84 6.05 -15.50
C ILE A 45 -18.93 6.21 -14.43
N GLU A 46 -19.26 7.45 -14.09
CA GLU A 46 -20.27 7.72 -13.09
C GLU A 46 -21.66 7.26 -13.54
N ASP A 47 -21.96 7.47 -14.82
CA ASP A 47 -23.24 7.04 -15.39
C ASP A 47 -23.38 5.52 -15.32
N GLY A 48 -22.29 4.81 -15.56
CA GLY A 48 -22.28 3.37 -15.48
C GLY A 48 -22.52 2.89 -14.05
N ALA A 49 -21.97 3.63 -13.10
CA ALA A 49 -22.16 3.32 -11.68
C ALA A 49 -23.62 3.50 -11.29
N ARG A 50 -24.24 4.55 -11.81
CA ARG A 50 -25.65 4.80 -11.56
C ARG A 50 -26.50 3.73 -12.22
N ARG A 51 -26.17 3.41 -13.47
CA ARG A 51 -26.91 2.40 -14.22
C ARG A 51 -26.93 1.05 -13.51
N GLU A 52 -25.76 0.59 -13.09
CA GLU A 52 -25.66 -0.72 -12.44
C GLU A 52 -26.30 -0.73 -11.05
N LEU A 53 -26.23 0.39 -10.35
CA LEU A 53 -26.86 0.49 -9.03
C LEU A 53 -28.37 0.34 -9.14
N GLN A 54 -28.93 0.86 -10.23
CA GLN A 54 -30.37 0.77 -10.46
C GLN A 54 -30.75 -0.62 -10.93
N GLU A 55 -29.91 -1.22 -11.79
CA GLU A 55 -30.18 -2.56 -12.32
C GLU A 55 -30.05 -3.65 -11.26
N GLU A 56 -29.30 -3.36 -10.20
CA GLU A 56 -28.97 -4.37 -9.19
C GLU A 56 -29.71 -4.17 -7.87
N SER A 57 -30.14 -2.93 -7.60
CA SER A 57 -30.82 -2.64 -6.35
C SER A 57 -32.13 -1.87 -6.57
N GLY A 58 -32.26 -1.22 -7.72
CA GLY A 58 -33.44 -0.42 -8.00
C GLY A 58 -33.31 0.98 -7.46
N LEU A 59 -32.18 1.24 -6.81
CA LEU A 59 -31.92 2.53 -6.20
C LEU A 59 -31.37 3.54 -7.20
N THR A 60 -31.78 4.80 -7.04
CA THR A 60 -31.18 5.90 -7.78
C THR A 60 -30.54 6.84 -6.77
N VAL A 61 -29.57 7.63 -7.21
CA VAL A 61 -28.84 8.47 -6.28
C VAL A 61 -28.72 9.89 -6.83
N ASP A 62 -28.87 10.87 -5.96
CA ASP A 62 -28.78 12.26 -6.35
C ASP A 62 -27.35 12.65 -6.66
N ALA A 63 -26.42 12.30 -5.76
CA ALA A 63 -25.01 12.64 -5.95
C ALA A 63 -24.09 11.48 -5.57
N LEU A 64 -23.13 11.18 -6.44
CA LEU A 64 -22.12 10.16 -6.15
C LEU A 64 -20.77 10.82 -5.89
N HIS A 65 -20.03 10.27 -4.94
CA HIS A 65 -18.72 10.81 -4.58
C HIS A 65 -17.61 9.79 -4.82
N LYS A 66 -16.58 10.21 -5.52
CA LYS A 66 -15.40 9.36 -5.73
C LYS A 66 -14.64 9.25 -4.42
N VAL A 67 -14.35 8.01 -4.01
CA VAL A 67 -13.68 7.79 -2.74
C VAL A 67 -12.43 6.92 -2.87
N GLY A 68 -12.22 6.32 -4.04
CA GLY A 68 -11.06 5.50 -4.26
C GLY A 68 -11.00 4.82 -5.61
N GLN A 69 -9.83 4.26 -5.92
CA GLN A 69 -9.63 3.49 -7.14
C GLN A 69 -8.75 2.27 -6.83
N ILE A 70 -9.25 1.09 -7.18
CA ILE A 70 -8.52 -0.14 -6.91
C ILE A 70 -8.23 -0.92 -8.19
N VAL A 71 -6.97 -1.27 -8.39
CA VAL A 71 -6.57 -2.07 -9.54
C VAL A 71 -6.42 -3.53 -9.14
N PHE A 72 -7.08 -4.41 -9.89
CA PHE A 72 -7.03 -5.83 -9.60
C PHE A 72 -6.34 -6.60 -10.72
N GLU A 73 -5.33 -7.39 -10.35
CA GLU A 73 -4.71 -8.31 -11.28
C GLU A 73 -5.05 -9.75 -10.96
N PHE A 74 -5.58 -10.46 -11.95
CA PHE A 74 -5.82 -11.90 -11.80
C PHE A 74 -4.82 -12.65 -12.67
N VAL A 75 -4.07 -13.57 -12.06
CA VAL A 75 -3.03 -14.31 -12.76
C VAL A 75 -3.59 -15.08 -13.95
N GLY A 76 -3.06 -14.78 -15.14
CA GLY A 76 -3.47 -15.45 -16.35
C GLY A 76 -4.37 -14.60 -17.23
N GLU A 77 -4.97 -13.57 -16.65
CA GLU A 77 -5.88 -12.69 -17.38
CA GLU A 77 -5.88 -12.70 -17.38
C GLU A 77 -5.17 -11.41 -17.80
N PRO A 78 -5.14 -11.14 -19.12
CA PRO A 78 -4.45 -10.00 -19.71
C PRO A 78 -4.94 -8.63 -19.22
N GLU A 79 -6.25 -8.41 -19.24
CA GLU A 79 -6.80 -7.11 -18.84
C GLU A 79 -6.80 -6.91 -17.32
N LEU A 80 -6.16 -5.83 -16.86
CA LEU A 80 -6.26 -5.44 -15.47
C LEU A 80 -7.64 -4.85 -15.22
N MET A 81 -8.11 -4.93 -13.98
CA MET A 81 -9.43 -4.38 -13.63
C MET A 81 -9.30 -3.05 -12.90
N ASP A 82 -9.62 -1.96 -13.61
CA ASP A 82 -9.54 -0.63 -13.03
C ASP A 82 -10.89 -0.23 -12.44
N VAL A 83 -11.07 -0.50 -11.14
CA VAL A 83 -12.33 -0.27 -10.47
C VAL A 83 -12.40 1.12 -9.82
N HIS A 84 -13.36 1.92 -10.25
CA HIS A 84 -13.59 3.23 -9.65
C HIS A 84 -14.64 3.12 -8.55
N VAL A 85 -14.23 3.39 -7.32
CA VAL A 85 -15.09 3.21 -6.16
C VAL A 85 -15.83 4.50 -5.82
N PHE A 86 -17.14 4.37 -5.60
CA PHE A 86 -17.98 5.52 -5.28
C PHE A 86 -18.68 5.33 -3.95
N CYS A 87 -19.14 6.42 -3.36
CA CYS A 87 -19.90 6.37 -2.12
C CYS A 87 -21.08 7.33 -2.14
N THR A 88 -22.05 7.10 -1.28
CA THR A 88 -23.21 8.01 -1.13
C THR A 88 -23.96 7.73 0.16
N ASP A 89 -24.69 8.74 0.63
CA ASP A 89 -25.49 8.60 1.84
C ASP A 89 -26.96 8.75 1.45
N SER A 90 -27.26 9.80 0.70
CA SER A 90 -28.61 10.02 0.22
C SER A 90 -28.93 9.05 -0.91
N ILE A 91 -29.95 8.24 -0.71
CA ILE A 91 -30.44 7.34 -1.74
C ILE A 91 -31.92 7.56 -2.00
N GLN A 92 -32.37 7.19 -3.20
CA GLN A 92 -33.74 7.39 -3.60
C GLN A 92 -34.43 6.06 -3.89
N GLY A 93 -35.34 5.68 -3.01
CA GLY A 93 -36.09 4.45 -3.15
C GLY A 93 -35.70 3.40 -2.12
N THR A 94 -36.08 2.15 -2.41
CA THR A 94 -35.86 1.04 -1.50
C THR A 94 -35.10 -0.06 -2.23
N PRO A 95 -34.03 -0.56 -1.61
CA PRO A 95 -33.24 -1.62 -2.26
C PRO A 95 -34.04 -2.91 -2.40
N VAL A 96 -34.28 -3.32 -3.64
CA VAL A 96 -35.00 -4.54 -3.93
C VAL A 96 -34.08 -5.57 -4.58
N GLU A 97 -34.46 -6.84 -4.53
CA GLU A 97 -33.62 -7.90 -5.08
C GLU A 97 -33.69 -7.96 -6.60
N SER A 98 -32.52 -8.06 -7.23
CA SER A 98 -32.44 -8.22 -8.67
C SER A 98 -32.02 -9.64 -8.99
N ASP A 99 -31.71 -9.91 -10.26
CA ASP A 99 -31.29 -11.25 -10.65
C ASP A 99 -29.85 -11.52 -10.26
N GLU A 100 -29.14 -10.45 -9.93
CA GLU A 100 -27.72 -10.53 -9.61
C GLU A 100 -27.43 -10.33 -8.12
N MET A 101 -28.10 -9.36 -7.52
CA MET A 101 -27.81 -8.98 -6.15
C MET A 101 -29.02 -9.12 -5.23
N ARG A 102 -28.75 -9.50 -3.98
CA ARG A 102 -29.76 -9.50 -2.93
C ARG A 102 -29.34 -8.52 -1.85
N PRO A 103 -29.88 -7.29 -1.90
CA PRO A 103 -29.45 -6.21 -1.01
C PRO A 103 -29.84 -6.45 0.44
N CYS A 104 -29.02 -5.95 1.36
CA CYS A 104 -29.21 -6.11 2.80
C CYS A 104 -28.39 -5.09 3.56
N TRP A 105 -28.98 -4.51 4.59
CA TRP A 105 -28.26 -3.55 5.44
C TRP A 105 -27.43 -4.27 6.50
N PHE A 106 -26.22 -3.75 6.73
CA PHE A 106 -25.34 -4.29 7.76
C PHE A 106 -24.89 -3.16 8.68
N GLN A 107 -24.74 -3.46 9.95
CA GLN A 107 -24.21 -2.48 10.91
C GLN A 107 -22.71 -2.34 10.69
N LEU A 108 -22.19 -1.15 10.96
CA LEU A 108 -20.78 -0.86 10.71
C LEU A 108 -19.83 -1.72 11.53
N ASP A 109 -20.34 -2.32 12.60
CA ASP A 109 -19.54 -3.20 13.43
C ASP A 109 -19.86 -4.67 13.18
N GLN A 110 -20.61 -4.94 12.11
CA GLN A 110 -21.00 -6.30 11.77
C GLN A 110 -20.88 -6.59 10.29
N ILE A 111 -19.90 -5.97 9.64
CA ILE A 111 -19.64 -6.21 8.23
C ILE A 111 -19.02 -7.60 8.03
N PRO A 112 -19.69 -8.44 7.22
CA PRO A 112 -19.32 -9.85 7.04
C PRO A 112 -18.06 -10.06 6.20
N PHE A 113 -16.92 -9.59 6.69
CA PHE A 113 -15.66 -9.70 5.94
C PHE A 113 -15.31 -11.13 5.53
N LYS A 114 -15.79 -12.11 6.29
CA LYS A 114 -15.48 -13.51 6.02
C LYS A 114 -16.23 -14.05 4.81
N ASP A 115 -17.24 -13.30 4.36
CA ASP A 115 -18.01 -13.67 3.19
C ASP A 115 -17.98 -12.56 2.15
N MET A 116 -16.88 -11.79 2.18
CA MET A 116 -16.64 -10.75 1.19
C MET A 116 -15.28 -10.98 0.55
N TRP A 117 -14.97 -10.21 -0.48
CA TRP A 117 -13.66 -10.29 -1.11
C TRP A 117 -12.57 -10.00 -0.08
N PRO A 118 -11.50 -10.82 -0.08
CA PRO A 118 -10.42 -10.75 0.91
C PRO A 118 -9.75 -9.38 0.97
N ASP A 119 -9.79 -8.65 -0.13
CA ASP A 119 -9.14 -7.35 -0.20
C ASP A 119 -9.92 -6.30 0.58
N ASP A 120 -11.21 -6.57 0.82
CA ASP A 120 -12.06 -5.60 1.51
C ASP A 120 -11.57 -5.33 2.92
N SER A 121 -10.98 -6.33 3.55
CA SER A 121 -10.47 -6.19 4.92
C SER A 121 -9.34 -5.18 5.00
N TYR A 122 -8.76 -4.83 3.86
CA TYR A 122 -7.64 -3.91 3.81
C TYR A 122 -8.10 -2.46 3.59
N TRP A 123 -8.94 -2.24 2.59
CA TRP A 123 -9.33 -0.87 2.23
C TRP A 123 -10.61 -0.36 2.88
N PHE A 124 -11.42 -1.27 3.44
CA PHE A 124 -12.66 -0.88 4.13
C PHE A 124 -12.47 0.07 5.32
N PRO A 125 -11.43 -0.14 6.15
CA PRO A 125 -11.17 0.83 7.22
C PRO A 125 -10.97 2.24 6.71
N LEU A 126 -10.35 2.39 5.54
CA LEU A 126 -10.15 3.70 4.95
C LEU A 126 -11.47 4.31 4.47
N LEU A 127 -12.34 3.46 3.93
CA LEU A 127 -13.64 3.90 3.47
C LEU A 127 -14.49 4.45 4.63
N LEU A 128 -14.52 3.70 5.72
CA LEU A 128 -15.30 4.08 6.90
C LEU A 128 -14.76 5.35 7.56
N GLN A 129 -13.48 5.64 7.33
CA GLN A 129 -12.85 6.82 7.90
C GLN A 129 -12.95 8.03 6.97
N LYS A 130 -13.69 7.87 5.88
CA LYS A 130 -13.87 8.94 4.89
C LYS A 130 -12.55 9.44 4.31
N LYS A 131 -11.64 8.50 4.10
CA LYS A 131 -10.35 8.78 3.51
C LYS A 131 -10.35 8.35 2.05
N LYS A 132 -9.73 9.12 1.16
CA LYS A 132 -9.62 8.71 -0.24
C LYS A 132 -8.37 7.84 -0.38
N PHE A 133 -8.40 6.85 -1.28
CA PHE A 133 -7.32 5.86 -1.34
C PHE A 133 -7.05 5.31 -2.73
N HIS A 134 -5.81 4.88 -2.93
CA HIS A 134 -5.43 4.13 -4.12
C HIS A 134 -4.92 2.75 -3.72
N GLY A 135 -5.46 1.72 -4.36
CA GLY A 135 -5.12 0.35 -4.02
C GLY A 135 -4.79 -0.52 -5.22
N TYR A 136 -3.94 -1.52 -5.00
CA TYR A 136 -3.63 -2.51 -6.01
C TYR A 136 -3.59 -3.89 -5.39
N PHE A 137 -4.27 -4.85 -6.00
CA PHE A 137 -4.29 -6.21 -5.48
C PHE A 137 -4.07 -7.24 -6.59
N LYS A 138 -3.08 -8.10 -6.39
CA LYS A 138 -2.81 -9.18 -7.32
C LYS A 138 -3.37 -10.50 -6.79
N PHE A 139 -4.28 -11.09 -7.55
CA PHE A 139 -4.96 -12.30 -7.12
C PHE A 139 -4.51 -13.54 -7.90
N GLN A 140 -4.45 -14.66 -7.21
CA GLN A 140 -4.26 -15.97 -7.84
C GLN A 140 -5.49 -16.81 -7.51
N GLY A 141 -6.40 -16.92 -8.48
CA GLY A 141 -7.70 -17.49 -8.21
C GLY A 141 -8.59 -16.41 -7.65
N GLN A 142 -9.57 -16.78 -6.82
CA GLN A 142 -10.46 -15.80 -6.22
C GLN A 142 -10.34 -15.74 -4.70
N ASP A 143 -9.31 -16.38 -4.14
CA ASP A 143 -9.13 -16.44 -2.70
C ASP A 143 -7.78 -15.87 -2.25
N THR A 144 -6.73 -16.16 -3.01
CA THR A 144 -5.36 -15.85 -2.58
C THR A 144 -4.84 -14.50 -3.10
N ILE A 145 -4.41 -13.65 -2.18
CA ILE A 145 -3.77 -12.40 -2.55
C ILE A 145 -2.25 -12.59 -2.49
N LEU A 146 -1.58 -12.39 -3.62
CA LEU A 146 -0.14 -12.58 -3.70
C LEU A 146 0.60 -11.33 -3.28
N ASP A 147 0.25 -10.21 -3.91
CA ASP A 147 0.86 -8.91 -3.63
C ASP A 147 -0.24 -7.86 -3.48
N TYR A 148 0.06 -6.76 -2.79
CA TYR A 148 -0.86 -5.63 -2.72
C TYR A 148 -0.20 -4.33 -2.27
N THR A 149 -0.70 -3.21 -2.78
CA THR A 149 -0.31 -1.89 -2.30
C THR A 149 -1.54 -1.06 -1.95
N LEU A 150 -1.42 -0.26 -0.90
CA LEU A 150 -2.51 0.59 -0.44
C LEU A 150 -2.03 1.88 0.20
N ARG A 151 -2.50 3.00 -0.31
CA ARG A 151 -2.14 4.30 0.27
C ARG A 151 -3.31 5.26 0.26
N GLU A 152 -3.24 6.27 1.12
CA GLU A 152 -4.23 7.34 1.13
C GLU A 152 -3.88 8.40 0.08
N VAL A 153 -4.89 8.94 -0.58
CA VAL A 153 -4.66 9.97 -1.60
C VAL A 153 -5.49 11.22 -1.32
N ASP A 154 -5.15 12.30 -2.01
CA ASP A 154 -5.90 13.54 -1.86
C ASP A 154 -6.78 13.76 -3.09
N THR A 155 -6.37 13.15 -4.20
CA THR A 155 -7.15 13.19 -5.42
C THR A 155 -7.32 11.78 -5.98
N VAL A 156 -8.56 11.33 -6.11
CA VAL A 156 -8.86 10.00 -6.62
C VAL A 156 -8.61 9.91 -8.12
N ALA B 3 10.57 -15.95 13.94
CA ALA B 3 11.69 -15.22 14.52
C ALA B 3 12.26 -14.21 13.54
N SER B 4 12.60 -13.03 14.03
CA SER B 4 13.12 -11.96 13.19
C SER B 4 14.35 -11.33 13.81
N ARG B 5 15.11 -10.58 13.02
CA ARG B 5 16.26 -9.86 13.55
C ARG B 5 16.10 -8.37 13.32
N LEU B 6 16.47 -7.58 14.31
CA LEU B 6 16.29 -6.13 14.23
C LEU B 6 17.38 -5.45 13.41
N TYR B 7 16.96 -4.61 12.47
CA TYR B 7 17.90 -3.84 11.68
C TYR B 7 17.45 -2.39 11.63
N THR B 8 18.38 -1.47 11.43
CA THR B 8 18.05 -0.06 11.30
C THR B 8 18.39 0.48 9.92
N LEU B 9 17.62 1.48 9.48
CA LEU B 9 17.88 2.14 8.22
C LEU B 9 17.59 3.64 8.35
N VAL B 10 18.63 4.45 8.18
CA VAL B 10 18.50 5.89 8.33
C VAL B 10 18.62 6.60 6.99
N LEU B 11 17.60 7.36 6.62
CA LEU B 11 17.61 8.14 5.39
C LEU B 11 17.66 9.62 5.70
N VAL B 12 18.82 10.25 5.49
CA VAL B 12 18.95 11.68 5.66
C VAL B 12 18.25 12.40 4.51
N LEU B 13 17.07 12.95 4.80
CA LEU B 13 16.25 13.58 3.76
C LEU B 13 16.16 15.09 3.94
N GLN B 14 16.67 15.82 2.96
CA GLN B 14 16.64 17.28 2.98
C GLN B 14 15.73 17.77 1.84
N PRO B 15 15.23 19.01 1.93
CA PRO B 15 14.24 19.55 0.97
C PRO B 15 14.55 19.30 -0.51
N GLN B 16 15.81 19.14 -0.89
CA GLN B 16 16.13 18.98 -2.32
C GLN B 16 17.12 17.83 -2.55
N ARG B 17 17.43 17.10 -1.50
CA ARG B 17 18.41 16.03 -1.60
C ARG B 17 18.30 14.95 -0.56
N VAL B 18 18.90 13.80 -0.85
CA VAL B 18 18.94 12.68 0.09
C VAL B 18 20.35 12.10 0.15
N LEU B 19 20.79 11.74 1.34
CA LEU B 19 22.14 11.20 1.52
C LEU B 19 22.16 9.68 1.46
N LEU B 20 23.01 9.14 0.58
CA LEU B 20 23.18 7.70 0.45
C LEU B 20 24.65 7.33 0.59
N GLY B 21 24.91 6.08 0.94
CA GLY B 21 26.27 5.61 1.14
C GLY B 21 26.58 4.35 0.36
N MET B 22 27.71 4.36 -0.33
CA MET B 22 28.15 3.20 -1.08
C MET B 22 28.72 2.15 -0.11
N LYS B 23 27.97 1.07 0.08
CA LYS B 23 28.40 -0.02 0.95
C LYS B 23 29.57 -0.72 0.30
N LYS B 24 30.71 -0.77 0.99
CA LYS B 24 31.96 -1.20 0.37
C LYS B 24 32.24 -2.71 0.44
N ARG B 25 31.71 -3.39 1.45
CA ARG B 25 31.79 -4.86 1.47
C ARG B 25 30.69 -5.48 2.32
N GLY B 26 30.70 -6.80 2.40
CA GLY B 26 29.67 -7.53 3.12
C GLY B 26 28.30 -7.44 2.50
N PHE B 27 27.26 -7.51 3.33
CA PHE B 27 25.88 -7.53 2.84
C PHE B 27 25.49 -6.21 2.18
N GLY B 28 25.05 -6.29 0.93
CA GLY B 28 24.57 -5.12 0.22
C GLY B 28 25.68 -4.31 -0.40
N ALA B 29 26.86 -4.92 -0.51
CA ALA B 29 28.01 -4.27 -1.11
C ALA B 29 27.79 -4.03 -2.60
N GLY B 30 28.26 -2.89 -3.09
CA GLY B 30 28.13 -2.54 -4.49
C GLY B 30 26.87 -1.76 -4.78
N ARG B 31 26.11 -1.47 -3.73
CA ARG B 31 24.86 -0.75 -3.87
C ARG B 31 24.80 0.48 -2.98
N TRP B 32 24.01 1.47 -3.38
CA TRP B 32 23.82 2.66 -2.57
C TRP B 32 22.77 2.38 -1.52
N ASN B 33 23.13 2.58 -0.25
CA ASN B 33 22.25 2.22 0.85
C ASN B 33 22.05 3.38 1.79
N GLY B 34 21.01 3.30 2.62
CA GLY B 34 20.86 4.19 3.75
C GLY B 34 21.80 3.70 4.82
N PHE B 35 21.85 4.40 5.94
CA PHE B 35 22.77 4.02 7.01
C PHE B 35 22.06 3.23 8.11
N GLY B 36 22.78 2.29 8.71
CA GLY B 36 22.25 1.46 9.76
C GLY B 36 23.00 0.16 9.90
N GLY B 37 22.41 -0.79 10.62
CA GLY B 37 23.01 -2.08 10.86
C GLY B 37 22.22 -2.84 11.89
N LYS B 38 22.84 -3.84 12.48
CA LYS B 38 22.17 -4.63 13.51
C LYS B 38 21.96 -3.88 14.81
N VAL B 39 20.90 -4.23 15.51
CA VAL B 39 20.63 -3.65 16.81
C VAL B 39 21.22 -4.50 17.92
N GLN B 40 21.98 -3.86 18.81
CA GLN B 40 22.68 -4.55 19.89
C GLN B 40 21.88 -4.81 21.14
N GLU B 41 22.42 -5.67 22.00
CA GLU B 41 21.75 -5.90 23.26
C GLU B 41 22.12 -4.81 24.24
N GLY B 42 21.11 -4.14 24.78
CA GLY B 42 21.34 -3.07 25.75
C GLY B 42 21.04 -1.69 25.22
N GLU B 43 20.70 -1.61 23.94
CA GLU B 43 20.36 -0.33 23.31
C GLU B 43 18.99 -0.41 22.67
N THR B 44 18.33 0.74 22.58
CA THR B 44 17.07 0.83 21.86
C THR B 44 17.33 0.82 20.36
N ILE B 45 16.27 0.62 19.58
CA ILE B 45 16.37 0.59 18.12
C ILE B 45 16.89 1.91 17.56
N GLU B 46 16.36 3.01 18.09
CA GLU B 46 16.77 4.34 17.65
C GLU B 46 18.23 4.65 17.98
N ASP B 47 18.66 4.21 19.16
CA ASP B 47 20.05 4.41 19.57
C ASP B 47 21.00 3.66 18.64
N GLY B 48 20.58 2.49 18.20
CA GLY B 48 21.37 1.71 17.25
C GLY B 48 21.44 2.39 15.90
N ALA B 49 20.35 3.04 15.51
CA ALA B 49 20.30 3.78 14.26
C ALA B 49 21.26 4.98 14.33
N ARG B 50 21.34 5.62 15.47
CA ARG B 50 22.28 6.69 15.61
C ARG B 50 23.70 6.15 15.64
N ARG B 51 23.91 5.15 16.45
CA ARG B 51 25.25 4.57 16.57
C ARG B 51 25.84 4.22 15.21
N GLU B 52 25.06 3.54 14.39
CA GLU B 52 25.53 3.13 13.07
C GLU B 52 25.71 4.31 12.12
N LEU B 53 24.87 5.34 12.30
CA LEU B 53 24.97 6.53 11.47
C LEU B 53 26.30 7.25 11.71
N GLN B 54 26.77 7.19 12.94
CA GLN B 54 28.04 7.81 13.31
C GLN B 54 29.22 6.94 12.86
N GLU B 55 29.09 5.63 13.00
CA GLU B 55 30.15 4.70 12.63
C GLU B 55 30.39 4.65 11.12
N GLU B 56 29.37 5.05 10.36
CA GLU B 56 29.43 4.92 8.90
C GLU B 56 29.56 6.23 8.16
N SER B 57 29.14 7.32 8.80
CA SER B 57 29.17 8.63 8.16
C SER B 57 29.83 9.69 9.05
N GLY B 58 29.82 9.45 10.36
CA GLY B 58 30.36 10.41 11.31
C GLY B 58 29.33 11.45 11.71
N LEU B 59 28.14 11.35 11.13
CA LEU B 59 27.07 12.30 11.40
C LEU B 59 26.31 11.98 12.68
N THR B 60 25.93 13.01 13.41
CA THR B 60 25.03 12.84 14.54
C THR B 60 23.85 13.74 14.27
N VAL B 61 22.73 13.46 14.92
CA VAL B 61 21.54 14.24 14.66
C VAL B 61 20.71 14.46 15.90
N ASP B 62 20.00 15.57 15.91
CA ASP B 62 18.91 15.67 16.83
C ASP B 62 17.71 15.14 16.08
N ALA B 63 16.73 14.65 16.82
CA ALA B 63 15.48 14.17 16.22
C ALA B 63 15.07 13.16 15.18
N LEU B 64 15.24 11.89 15.51
CA LEU B 64 15.10 10.87 14.52
C LEU B 64 13.62 10.55 14.44
N HIS B 65 13.10 10.44 13.23
CA HIS B 65 11.69 10.23 13.08
C HIS B 65 11.39 8.89 12.43
N LYS B 66 10.51 8.09 13.05
CA LYS B 66 10.10 6.82 12.46
C LYS B 66 9.20 7.07 11.25
N VAL B 67 9.53 6.43 10.13
CA VAL B 67 8.77 6.63 8.90
C VAL B 67 8.32 5.31 8.28
N GLY B 68 8.83 4.20 8.81
CA GLY B 68 8.44 2.91 8.28
C GLY B 68 9.09 1.68 8.88
N GLN B 69 8.56 0.53 8.52
CA GLN B 69 9.12 -0.75 8.92
C GLN B 69 9.00 -1.73 7.76
N ILE B 70 10.14 -2.29 7.35
CA ILE B 70 10.14 -3.23 6.22
C ILE B 70 10.68 -4.59 6.65
N VAL B 71 9.93 -5.64 6.33
CA VAL B 71 10.36 -7.01 6.60
C VAL B 71 10.90 -7.67 5.33
N PHE B 72 12.10 -8.23 5.42
CA PHE B 72 12.70 -8.89 4.28
C PHE B 72 12.83 -10.38 4.54
N GLU B 73 12.27 -11.20 3.65
CA GLU B 73 12.48 -12.64 3.70
C GLU B 73 13.35 -13.06 2.51
N PHE B 74 14.44 -13.75 2.80
CA PHE B 74 15.31 -14.26 1.76
C PHE B 74 15.19 -15.78 1.64
N VAL B 75 14.94 -16.26 0.43
CA VAL B 75 14.77 -17.68 0.19
C VAL B 75 16.00 -18.47 0.62
N GLY B 76 15.80 -19.39 1.56
CA GLY B 76 16.88 -20.19 2.09
C GLY B 76 17.29 -19.75 3.48
N GLU B 77 16.91 -18.53 3.86
CA GLU B 77 17.28 -17.99 5.16
C GLU B 77 16.17 -18.07 6.21
N PRO B 78 16.48 -18.70 7.34
CA PRO B 78 15.56 -18.84 8.49
C PRO B 78 15.16 -17.49 9.09
N GLU B 79 16.13 -16.63 9.37
CA GLU B 79 15.86 -15.35 10.02
C GLU B 79 15.25 -14.32 9.08
N LEU B 80 14.09 -13.80 9.46
CA LEU B 80 13.51 -12.65 8.78
C LEU B 80 14.30 -11.41 9.15
N MET B 81 14.30 -10.41 8.27
CA MET B 81 14.98 -9.16 8.56
C MET B 81 13.99 -8.06 8.87
N ASP B 82 13.90 -7.67 10.13
CA ASP B 82 12.99 -6.63 10.57
C ASP B 82 13.69 -5.28 10.58
N VAL B 83 13.56 -4.55 9.48
CA VAL B 83 14.23 -3.26 9.36
C VAL B 83 13.33 -2.12 9.80
N HIS B 84 13.77 -1.39 10.82
CA HIS B 84 13.07 -0.19 11.27
C HIS B 84 13.67 1.02 10.57
N VAL B 85 12.87 1.69 9.74
CA VAL B 85 13.36 2.79 8.91
C VAL B 85 13.19 4.15 9.58
N PHE B 86 14.25 4.94 9.54
CA PHE B 86 14.21 6.28 10.13
C PHE B 86 14.56 7.34 9.08
N CYS B 87 14.16 8.58 9.36
CA CYS B 87 14.52 9.70 8.50
C CYS B 87 14.89 10.91 9.36
N THR B 88 15.55 11.89 8.75
CA THR B 88 15.93 13.12 9.46
C THR B 88 16.22 14.25 8.49
N ASP B 89 16.11 15.48 8.97
CA ASP B 89 16.36 16.70 8.13
C ASP B 89 17.54 17.40 8.78
N SER B 90 17.50 17.58 10.11
CA SER B 90 18.61 18.18 10.85
C SER B 90 19.78 17.19 11.00
N ILE B 91 20.94 17.57 10.50
CA ILE B 91 22.15 16.79 10.73
C ILE B 91 23.22 17.68 11.36
N GLN B 92 24.14 17.06 12.08
CA GLN B 92 25.19 17.79 12.78
C GLN B 92 26.56 17.39 12.25
N GLY B 93 27.18 18.27 11.49
CA GLY B 93 28.49 17.98 10.95
C GLY B 93 28.49 17.72 9.46
N THR B 94 29.55 17.06 9.00
CA THR B 94 29.75 16.79 7.59
C THR B 94 29.98 15.29 7.39
N PRO B 95 29.27 14.70 6.43
CA PRO B 95 29.42 13.27 6.14
C PRO B 95 30.81 12.94 5.58
N VAL B 96 31.56 12.11 6.32
CA VAL B 96 32.87 11.68 5.88
C VAL B 96 32.86 10.19 5.56
N GLU B 97 33.84 9.75 4.77
CA GLU B 97 33.90 8.34 4.39
C GLU B 97 34.43 7.52 5.54
N SER B 98 33.76 6.41 5.82
CA SER B 98 34.21 5.48 6.85
C SER B 98 34.77 4.29 6.15
N ASP B 99 35.09 3.26 6.90
CA ASP B 99 35.72 2.14 6.25
C ASP B 99 34.63 1.25 5.63
N GLU B 100 33.37 1.48 6.00
CA GLU B 100 32.26 0.64 5.52
C GLU B 100 31.42 1.34 4.45
N MET B 101 31.13 2.62 4.67
CA MET B 101 30.24 3.37 3.77
C MET B 101 30.95 4.60 3.23
N ARG B 102 30.66 4.94 1.98
CA ARG B 102 31.10 6.21 1.41
C ARG B 102 29.92 7.06 1.02
N PRO B 103 29.58 8.00 1.88
CA PRO B 103 28.42 8.89 1.75
C PRO B 103 28.53 9.86 0.56
N CYS B 104 27.38 10.23 -0.01
CA CYS B 104 27.35 11.16 -1.12
C CYS B 104 25.93 11.72 -1.30
N TRP B 105 25.83 13.01 -1.59
CA TRP B 105 24.53 13.64 -1.78
C TRP B 105 23.97 13.38 -3.18
N PHE B 106 22.67 13.13 -3.24
CA PHE B 106 21.96 12.94 -4.51
C PHE B 106 20.73 13.83 -4.61
N GLN B 107 20.43 14.28 -5.83
CA GLN B 107 19.22 15.06 -6.08
C GLN B 107 18.01 14.15 -6.06
N LEU B 108 16.87 14.68 -5.61
CA LEU B 108 15.64 13.89 -5.48
C LEU B 108 15.13 13.38 -6.83
N ASP B 109 15.61 14.00 -7.91
CA ASP B 109 15.24 13.57 -9.25
C ASP B 109 16.37 12.78 -9.91
N GLN B 110 17.35 12.40 -9.10
CA GLN B 110 18.50 11.66 -9.60
C GLN B 110 18.91 10.53 -8.65
N ILE B 111 17.93 9.92 -7.99
CA ILE B 111 18.18 8.78 -7.11
C ILE B 111 18.53 7.54 -7.93
N PRO B 112 19.72 6.97 -7.71
CA PRO B 112 20.27 5.87 -8.51
C PRO B 112 19.62 4.51 -8.25
N PHE B 113 18.32 4.39 -8.55
CA PHE B 113 17.57 3.15 -8.30
C PHE B 113 18.15 1.92 -8.97
N LYS B 114 18.85 2.12 -10.07
CA LYS B 114 19.39 1.00 -10.83
C LYS B 114 20.58 0.35 -10.14
N ASP B 115 21.13 1.03 -9.15
CA ASP B 115 22.25 0.48 -8.36
C ASP B 115 21.88 0.49 -6.89
N MET B 116 20.58 0.38 -6.62
CA MET B 116 20.09 0.26 -5.27
C MET B 116 19.27 -1.02 -5.15
N TRP B 117 18.87 -1.36 -3.94
CA TRP B 117 18.02 -2.53 -3.73
C TRP B 117 16.72 -2.38 -4.53
N PRO B 118 16.29 -3.46 -5.19
CA PRO B 118 15.12 -3.48 -6.08
C PRO B 118 13.83 -3.00 -5.38
N ASP B 119 13.75 -3.17 -4.06
CA ASP B 119 12.58 -2.80 -3.31
C ASP B 119 12.45 -1.29 -3.13
N ASP B 120 13.55 -0.58 -3.30
CA ASP B 120 13.57 0.87 -3.12
C ASP B 120 12.63 1.59 -4.08
N SER B 121 12.44 1.01 -5.26
CA SER B 121 11.57 1.57 -6.28
C SER B 121 10.11 1.59 -5.85
N TYR B 122 9.78 0.83 -4.81
CA TYR B 122 8.41 0.70 -4.34
C TYR B 122 8.01 1.67 -3.23
N TRP B 123 8.82 1.72 -2.17
CA TRP B 123 8.46 2.50 -0.99
C TRP B 123 9.02 3.93 -0.94
N PHE B 124 9.98 4.23 -1.80
CA PHE B 124 10.52 5.59 -1.86
C PHE B 124 9.51 6.70 -2.18
N PRO B 125 8.55 6.45 -3.10
CA PRO B 125 7.53 7.49 -3.29
C PRO B 125 6.79 7.84 -2.01
N LEU B 126 6.54 6.84 -1.17
CA LEU B 126 5.87 7.06 0.11
C LEU B 126 6.76 7.88 1.04
N LEU B 127 8.06 7.60 1.01
CA LEU B 127 9.02 8.34 1.81
C LEU B 127 9.10 9.81 1.40
N LEU B 128 9.20 10.05 0.10
CA LEU B 128 9.33 11.41 -0.43
C LEU B 128 8.06 12.24 -0.19
N GLN B 129 6.93 11.57 -0.03
CA GLN B 129 5.67 12.25 0.23
C GLN B 129 5.45 12.36 1.74
N LYS B 130 6.47 12.01 2.51
CA LYS B 130 6.44 12.06 3.97
C LYS B 130 5.31 11.22 4.58
N LYS B 131 5.08 10.05 4.00
CA LYS B 131 4.08 9.11 4.49
C LYS B 131 4.74 7.98 5.27
N LYS B 132 4.08 7.52 6.32
CA LYS B 132 4.54 6.35 7.06
C LYS B 132 4.05 5.08 6.36
N PHE B 133 4.83 4.01 6.43
CA PHE B 133 4.51 2.81 5.67
C PHE B 133 4.97 1.50 6.35
N HIS B 134 4.27 0.42 6.04
CA HIS B 134 4.68 -0.92 6.45
C HIS B 134 4.90 -1.75 5.20
N GLY B 135 6.05 -2.40 5.11
CA GLY B 135 6.37 -3.16 3.92
C GLY B 135 6.89 -4.55 4.19
N TYR B 136 6.63 -5.45 3.24
CA TYR B 136 7.16 -6.80 3.31
C TYR B 136 7.65 -7.20 1.91
N PHE B 137 8.86 -7.73 1.84
CA PHE B 137 9.43 -8.15 0.56
C PHE B 137 10.08 -9.52 0.68
N LYS B 138 9.69 -10.43 -0.21
CA LYS B 138 10.32 -11.74 -0.27
C LYS B 138 11.31 -11.80 -1.43
N PHE B 139 12.57 -12.06 -1.11
CA PHE B 139 13.63 -12.06 -2.11
C PHE B 139 14.12 -13.45 -2.45
N GLN B 140 14.46 -13.66 -3.72
CA GLN B 140 15.17 -14.86 -4.13
C GLN B 140 16.51 -14.41 -4.72
N GLY B 141 17.56 -14.54 -3.92
CA GLY B 141 18.83 -13.94 -4.23
C GLY B 141 18.77 -12.50 -3.75
N GLN B 142 19.54 -11.61 -4.36
CA GLN B 142 19.50 -10.21 -3.98
C GLN B 142 19.00 -9.34 -5.13
N ASP B 143 18.43 -10.00 -6.12
CA ASP B 143 17.96 -9.31 -7.30
C ASP B 143 16.48 -9.45 -7.44
N THR B 144 15.99 -10.68 -7.27
CA THR B 144 14.62 -11.02 -7.62
C THR B 144 13.64 -10.89 -6.46
N ILE B 145 12.60 -10.09 -6.64
CA ILE B 145 11.52 -10.01 -5.67
C ILE B 145 10.37 -10.92 -6.10
N LEU B 146 10.04 -11.89 -5.25
CA LEU B 146 8.99 -12.84 -5.56
C LEU B 146 7.62 -12.32 -5.13
N ASP B 147 7.51 -11.90 -3.88
CA ASP B 147 6.26 -11.39 -3.32
C ASP B 147 6.54 -10.07 -2.61
N TYR B 148 5.51 -9.25 -2.49
CA TYR B 148 5.65 -8.00 -1.74
C TYR B 148 4.30 -7.41 -1.30
N THR B 149 4.31 -6.76 -0.14
CA THR B 149 3.16 -5.98 0.30
C THR B 149 3.65 -4.61 0.75
N LEU B 150 2.85 -3.59 0.50
CA LEU B 150 3.22 -2.24 0.90
C LEU B 150 1.97 -1.42 1.18
N ARG B 151 1.86 -0.86 2.38
CA ARG B 151 0.72 -0.01 2.69
C ARG B 151 1.11 1.18 3.54
N GLU B 152 0.34 2.25 3.44
CA GLU B 152 0.57 3.42 4.26
C GLU B 152 -0.06 3.21 5.62
N VAL B 153 0.64 3.63 6.67
CA VAL B 153 0.16 3.47 8.03
C VAL B 153 0.14 4.80 8.75
N ASP B 154 -0.52 4.83 9.91
CA ASP B 154 -0.58 6.02 10.74
C ASP B 154 0.33 5.88 11.95
N THR B 155 0.63 4.62 12.30
CA THR B 155 1.58 4.32 13.36
C THR B 155 2.61 3.32 12.86
N VAL B 156 3.88 3.71 12.90
CA VAL B 156 4.96 2.84 12.44
C VAL B 156 5.21 1.71 13.44
S SO4 C . -24.44 12.35 -0.18
O1 SO4 C . -23.30 12.13 0.72
O2 SO4 C . -25.06 13.64 0.12
O3 SO4 C . -24.00 12.32 -1.57
O4 SO4 C . -25.41 11.28 0.03
S SO4 D . -2.15 12.30 -4.89
O1 SO4 D . -1.21 12.68 -3.84
O2 SO4 D . -2.99 13.45 -5.22
O3 SO4 D . -1.43 11.86 -6.07
O4 SO4 D . -2.99 11.22 -4.42
S SO4 E . -16.53 14.12 -5.11
O1 SO4 E . -16.13 15.22 -5.97
O2 SO4 E . -17.64 14.61 -4.26
O3 SO4 E . -15.47 13.71 -4.20
O4 SO4 E . -16.93 13.03 -5.99
N2 RUX F . -13.47 -5.56 -3.69
C3 RUX F . -14.81 -5.52 -3.64
N RUX F . -15.43 -5.29 -2.49
C2 RUX F . -15.55 -5.72 -4.75
C7 RUX F . -14.92 -5.93 -5.94
C6 RUX F . -15.71 -6.12 -7.04
C5 RUX F . -17.04 -6.06 -7.00
C4 RUX F . -17.65 -5.72 -5.88
C1 RUX F . -16.90 -5.61 -4.70
N1 RUX F . -17.54 -5.44 -3.52
C RUX F . -16.76 -5.27 -2.43
C8 RUX F . -15.08 -6.35 -8.34
C12 RUX F . -13.72 -6.41 -8.49
C11 RUX F . -13.23 -6.65 -9.76
C10 RUX F . -14.12 -6.82 -10.81
C9 RUX F . -15.48 -6.76 -10.58
N3 RUX F . -15.88 -6.52 -9.36
O11 RUX F . -18.05 -9.36 -8.05
C13 RUX F . -18.04 -8.21 -8.35
RU RUX F . -18.02 -6.43 -8.84
C14 RUX F . -17.41 -5.02 -1.12
O RUX F . -19.99 -8.09 -11.55
C15 RUX F . -19.36 -7.06 -11.61
C16 RUX F . -19.29 -6.15 -10.44
C17 RUX F . -18.40 -5.01 -10.36
C18 RUX F . -20.10 -6.35 -9.26
C19 RUX F . -19.71 -5.28 -8.36
C20 RUX F . -18.67 -4.45 -9.01
O1 RUX F . -18.69 -6.70 -12.84
C21 RUX F . -18.72 -7.57 -13.88
C22 RUX F . -19.73 -7.54 -14.83
O2 RUX F . -20.75 -6.64 -14.78
C23 RUX F . -21.90 -6.80 -13.96
C24 RUX F . -19.70 -8.42 -15.90
C25 RUX F . -18.68 -9.35 -16.00
C26 RUX F . -17.67 -9.39 -15.06
C27 RUX F . -17.71 -8.49 -14.01
O3 RUX F . -16.74 -8.50 -13.05
C28 RUX F . -15.40 -8.74 -13.46
S SO4 G . 0.96 -4.51 8.18
O1 SO4 G . 1.62 -3.93 9.34
O2 SO4 G . 0.11 -3.58 7.48
O3 SO4 G . 2.06 -4.92 7.19
O4 SO4 G . 0.08 -5.63 8.68
S SO4 H . -2.31 1.70 10.90
O1 SO4 H . -1.63 2.27 12.06
O2 SO4 H . -3.15 2.63 10.19
O3 SO4 H . -1.26 1.28 9.97
O4 SO4 H . -3.17 0.58 11.39
S SO4 I . 8.79 10.32 15.69
O1 SO4 I . 9.48 10.89 16.86
O2 SO4 I . 7.96 11.25 14.96
O3 SO4 I . 9.85 9.89 14.78
O4 SO4 I . 7.92 9.20 16.19
S SO4 J . 14.25 17.06 11.26
O1 SO4 J . 14.94 17.63 12.37
O2 SO4 J . 13.41 17.99 10.51
O3 SO4 J . 15.36 16.57 10.52
O4 SO4 J . 13.39 15.94 11.69
N2 RUX K . 16.01 -1.55 1.49
C3 RUX K . 17.07 -0.77 1.68
N RUX K . 17.13 0.41 1.03
C2 RUX K . 18.10 -1.14 2.52
C7 RUX K . 18.06 -2.34 3.20
C6 RUX K . 19.12 -2.63 4.02
C5 RUX K . 20.15 -1.73 4.16
C4 RUX K . 20.21 -0.56 3.48
C1 RUX K . 19.17 -0.27 2.66
N1 RUX K . 19.20 0.89 2.01
C RUX K . 18.18 1.21 1.20
C8 RUX K . 19.24 -3.86 4.82
C12 RUX K . 18.27 -4.80 4.78
C11 RUX K . 18.57 -5.85 5.58
C10 RUX K . 19.72 -5.96 6.34
C9 RUX K . 20.65 -4.99 6.33
N3 RUX K . 20.34 -3.98 5.56
O11 RUX K . 22.91 -3.41 2.78
C13 RUX K . 22.44 -2.96 3.84
RU RUX K . 21.75 -2.31 5.40
C14 RUX K . 18.23 2.52 0.46
O RUX K . 24.74 -3.89 6.79
C15 RUX K . 23.70 -3.64 7.36
C16 RUX K . 23.00 -2.33 7.07
C17 RUX K . 21.69 -1.92 7.51
C18 RUX K . 23.55 -1.43 6.07
C19 RUX K . 22.50 -0.42 5.89
C20 RUX K . 21.39 -0.71 6.75
O1 RUX K . 23.24 -4.62 8.35
C21 RUX K . 24.09 -5.66 8.65
C22 RUX K . 23.92 -6.87 8.02
O2 RUX K . 22.90 -7.02 7.12
C23 RUX K . 22.32 -8.30 6.91
C24 RUX K . 24.77 -7.94 8.27
C25 RUX K . 25.82 -7.79 9.18
C26 RUX K . 26.01 -6.59 9.81
C27 RUX K . 25.16 -5.53 9.55
O3 RUX K . 25.41 -4.37 10.22
C28 RUX K . 26.61 -3.66 9.92
#